data_6EHK
#
_entry.id   6EHK
#
_cell.length_a   58.290
_cell.length_b   46.290
_cell.length_c   63.050
_cell.angle_alpha   90.000
_cell.angle_beta   111.930
_cell.angle_gamma   90.000
#
_symmetry.space_group_name_H-M   'P 1 21 1'
#
loop_
_entity.id
_entity.type
_entity.pdbx_description
1 polymer 'Casein kinase II subunit alpha'
2 non-polymer 'ACETATE ION'
3 non-polymer 2-(1~{H}-benzimidazol-2-yl)-~{N}-[[3,5-bis(chloranyl)-4-(2-ethylphenyl)phenyl]methyl]ethanamine
4 non-polymer '2-hydroxy-5-methylbenzoic acid'
5 water water
#
_entity_poly.entity_id   1
_entity_poly.type   'polypeptide(L)'
_entity_poly.pdbx_seq_one_letter_code
;SGPVPSRARVYTDVNTHRPSEYWDYESHVVEWGNQDDYQLVRKLGRGKYSEVFEAINITNNEKVVVKILKPVAAAKIKRE
IKILENLRGGPNIITLADIVKDPVSRTPALVFEHVNNTDFKQLYQTLTDYDIRFYMYEILKALDYCHSMGIMHRDVKPHN
VMIDHEHRKLRLIDWGLAEFYHPGQEYNVRVASRYFKGPELLVDYQMYDYSLDMWSLGCMLASMIFRKEPFFHGHDNYDQ
LVRIAKVLGTEDLYDYIDKYNIELDPRFNDILGRHSRKRWERFVHSENQHLVSPEALDFLDKLLRYDHQSRLTAREAMEH
PYFYTVVKREAMEHPYFYTVVK
;
_entity_poly.pdbx_strand_id   A
#
loop_
_chem_comp.id
_chem_comp.type
_chem_comp.name
_chem_comp.formula
54G non-polymer '2-hydroxy-5-methylbenzoic acid' 'C8 H8 O3'
ACT non-polymer 'ACETATE ION' 'C2 H3 O2 -1'
AUW non-polymer 2-(1~{H}-benzimidazol-2-yl)-~{N}-[[3,5-bis(chloranyl)-4-(2-ethylphenyl)phenyl]methyl]ethanamine 'C24 H23 Cl2 N3'
#
# COMPACT_ATOMS: atom_id res chain seq x y z
N GLY A 2 19.71 -22.74 1.47
CA GLY A 2 18.70 -21.92 0.79
C GLY A 2 18.55 -20.53 1.39
N PRO A 3 17.42 -19.82 1.15
CA PRO A 3 17.28 -18.46 1.72
C PRO A 3 17.30 -18.43 3.24
N VAL A 4 17.88 -17.38 3.78
CA VAL A 4 17.93 -17.15 5.24
C VAL A 4 16.51 -16.72 5.63
N PRO A 5 15.92 -17.28 6.69
CA PRO A 5 14.59 -16.78 7.13
C PRO A 5 14.67 -15.34 7.63
N SER A 6 13.49 -14.71 7.66
CA SER A 6 13.33 -13.34 8.10
C SER A 6 12.04 -13.26 8.86
N ARG A 7 12.00 -12.37 9.83
CA ARG A 7 10.78 -12.02 10.54
C ARG A 7 10.75 -10.51 10.76
N ALA A 8 9.56 -9.96 10.86
CA ALA A 8 9.41 -8.53 11.10
C ALA A 8 10.07 -8.16 12.42
N ARG A 9 10.51 -6.90 12.50
CA ARG A 9 11.10 -6.38 13.73
C ARG A 9 10.04 -5.80 14.67
N VAL A 10 8.78 -5.73 14.21
CA VAL A 10 7.65 -5.23 15.00
C VAL A 10 6.45 -6.10 14.74
N TYR A 11 5.53 -6.11 15.70
CA TYR A 11 4.25 -6.79 15.54
C TYR A 11 4.34 -8.22 15.07
N THR A 12 5.40 -8.96 15.47
CA THR A 12 5.48 -10.38 15.09
C THR A 12 4.41 -11.24 15.77
N ASP A 13 4.07 -10.93 17.01
CA ASP A 13 3.22 -11.76 17.84
C ASP A 13 1.77 -11.44 17.84
N VAL A 14 1.33 -10.42 17.06
N VAL A 14 1.33 -10.46 17.01
CA VAL A 14 -0.06 -9.99 17.12
CA VAL A 14 -0.05 -10.03 17.03
C VAL A 14 -1.06 -11.12 16.80
C VAL A 14 -1.02 -11.17 16.82
N ASN A 15 -0.81 -11.94 15.75
CA ASN A 15 -1.73 -13.02 15.38
C ASN A 15 -1.56 -14.26 16.30
N THR A 16 -0.53 -14.28 17.16
CA THR A 16 -0.36 -15.35 18.16
C THR A 16 -1.19 -14.98 19.39
N HIS A 17 -1.12 -13.70 19.80
CA HIS A 17 -1.79 -13.14 20.97
C HIS A 17 -3.32 -13.09 20.76
N ARG A 18 -3.78 -12.80 19.54
CA ARG A 18 -5.21 -12.74 19.25
C ARG A 18 -5.82 -14.14 19.09
N PRO A 19 -7.13 -14.32 19.34
CA PRO A 19 -7.73 -15.65 19.17
C PRO A 19 -7.72 -16.10 17.72
N SER A 20 -7.78 -17.42 17.47
CA SER A 20 -7.76 -17.96 16.10
C SER A 20 -8.85 -17.37 15.19
N GLU A 21 -10.04 -17.09 15.72
CA GLU A 21 -11.14 -16.50 14.93
C GLU A 21 -10.73 -15.15 14.32
N TYR A 22 -9.73 -14.49 14.90
CA TYR A 22 -9.29 -13.19 14.38
C TYR A 22 -8.62 -13.32 13.01
N TRP A 23 -7.72 -14.31 12.85
CA TRP A 23 -6.96 -14.46 11.60
C TRP A 23 -7.39 -15.62 10.72
N ASP A 24 -8.13 -16.59 11.29
CA ASP A 24 -8.56 -17.76 10.54
C ASP A 24 -9.81 -17.39 9.74
N TYR A 25 -9.58 -16.62 8.65
CA TYR A 25 -10.65 -16.09 7.81
C TYR A 25 -11.50 -17.17 7.13
N GLU A 26 -10.92 -18.36 6.85
CA GLU A 26 -11.66 -19.47 6.22
C GLU A 26 -12.80 -19.99 7.11
N SER A 27 -12.69 -19.80 8.45
CA SER A 27 -13.71 -20.22 9.42
C SER A 27 -14.83 -19.22 9.60
N HIS A 28 -14.62 -17.95 9.17
CA HIS A 28 -15.58 -16.86 9.32
C HIS A 28 -16.87 -17.10 8.55
N VAL A 29 -18.00 -16.91 9.22
CA VAL A 29 -19.33 -17.06 8.58
C VAL A 29 -19.80 -15.66 8.23
N VAL A 30 -20.03 -15.41 6.92
CA VAL A 30 -20.47 -14.11 6.41
C VAL A 30 -21.96 -13.89 6.69
N GLU A 31 -22.28 -12.75 7.32
CA GLU A 31 -23.66 -12.33 7.63
C GLU A 31 -24.09 -11.45 6.46
N TRP A 32 -24.91 -12.02 5.56
CA TRP A 32 -25.35 -11.32 4.35
C TRP A 32 -26.45 -10.31 4.63
N GLY A 33 -26.33 -9.15 3.99
CA GLY A 33 -27.32 -8.08 4.04
C GLY A 33 -28.29 -8.18 2.87
N ASN A 34 -29.11 -7.15 2.70
CA ASN A 34 -30.12 -7.11 1.65
C ASN A 34 -29.66 -6.30 0.44
N GLN A 35 -29.46 -6.95 -0.72
CA GLN A 35 -29.01 -6.26 -1.94
C GLN A 35 -29.98 -5.15 -2.38
N ASP A 36 -31.30 -5.31 -2.12
CA ASP A 36 -32.33 -4.33 -2.48
C ASP A 36 -32.23 -2.97 -1.75
N ASP A 37 -31.40 -2.87 -0.67
CA ASP A 37 -31.18 -1.59 0.04
C ASP A 37 -30.32 -0.65 -0.79
N TYR A 38 -29.67 -1.18 -1.87
CA TYR A 38 -28.71 -0.42 -2.65
C TYR A 38 -29.12 -0.25 -4.08
N GLN A 39 -29.14 1.00 -4.54
CA GLN A 39 -29.48 1.30 -5.93
C GLN A 39 -28.21 1.76 -6.62
N LEU A 40 -27.74 1.00 -7.64
CA LEU A 40 -26.52 1.38 -8.37
C LEU A 40 -26.79 2.63 -9.21
N VAL A 41 -25.88 3.61 -9.20
CA VAL A 41 -26.08 4.89 -9.90
C VAL A 41 -25.19 4.96 -11.14
N ARG A 42 -23.89 4.65 -10.99
CA ARG A 42 -22.95 4.68 -12.10
C ARG A 42 -21.73 3.86 -11.83
N LYS A 43 -21.17 3.30 -12.89
CA LYS A 43 -19.94 2.52 -12.83
C LYS A 43 -18.74 3.50 -12.71
N LEU A 44 -17.92 3.32 -11.68
CA LEU A 44 -16.74 4.16 -11.45
C LEU A 44 -15.53 3.54 -12.14
N GLY A 45 -15.49 2.22 -12.21
CA GLY A 45 -14.37 1.55 -12.86
C GLY A 45 -14.40 0.05 -12.73
N ARG A 46 -13.58 -0.62 -13.53
CA ARG A 46 -13.40 -2.05 -13.50
C ARG A 46 -11.92 -2.32 -13.50
N GLY A 47 -11.48 -3.10 -12.51
CA GLY A 47 -10.09 -3.52 -12.35
C GLY A 47 -9.98 -4.98 -12.72
N LYS A 48 -8.88 -5.69 -12.40
CA LYS A 48 -8.90 -7.10 -12.81
C LYS A 48 -9.66 -8.00 -11.84
N TYR A 49 -10.02 -7.49 -10.65
CA TYR A 49 -10.71 -8.32 -9.67
C TYR A 49 -12.12 -7.88 -9.31
N SER A 50 -12.49 -6.66 -9.69
CA SER A 50 -13.82 -6.17 -9.31
C SER A 50 -14.27 -5.07 -10.22
N GLU A 51 -15.55 -4.72 -10.09
CA GLU A 51 -16.18 -3.59 -10.75
C GLU A 51 -16.72 -2.73 -9.59
N VAL A 52 -16.47 -1.42 -9.63
CA VAL A 52 -16.85 -0.52 -8.57
C VAL A 52 -17.90 0.46 -9.06
N PHE A 53 -18.92 0.70 -8.21
CA PHE A 53 -20.05 1.58 -8.52
C PHE A 53 -20.33 2.58 -7.42
N GLU A 54 -20.79 3.77 -7.81
CA GLU A 54 -21.39 4.76 -6.94
C GLU A 54 -22.82 4.22 -6.79
N ALA A 55 -23.37 4.24 -5.58
CA ALA A 55 -24.71 3.73 -5.34
C ALA A 55 -25.34 4.53 -4.21
N ILE A 56 -26.64 4.33 -3.96
CA ILE A 56 -27.37 5.02 -2.90
C ILE A 56 -27.94 3.92 -2.02
N ASN A 57 -27.79 4.06 -0.71
CA ASN A 57 -28.41 3.18 0.27
C ASN A 57 -29.79 3.84 0.46
N ILE A 58 -30.83 3.21 -0.09
CA ILE A 58 -32.18 3.81 -0.03
C ILE A 58 -32.85 3.71 1.37
N THR A 59 -32.24 3.01 2.34
CA THR A 59 -32.80 2.92 3.71
C THR A 59 -32.46 4.16 4.53
N ASN A 60 -31.41 4.90 4.14
CA ASN A 60 -30.96 6.11 4.84
C ASN A 60 -30.68 7.30 3.89
N ASN A 61 -30.82 7.09 2.56
CA ASN A 61 -30.62 8.03 1.45
C ASN A 61 -29.15 8.47 1.26
N GLU A 62 -28.20 7.81 1.95
CA GLU A 62 -26.77 8.15 1.88
C GLU A 62 -26.06 7.49 0.71
N LYS A 63 -25.07 8.19 0.11
CA LYS A 63 -24.25 7.67 -0.98
C LYS A 63 -23.36 6.56 -0.43
N VAL A 64 -23.12 5.49 -1.21
CA VAL A 64 -22.20 4.42 -0.84
C VAL A 64 -21.40 4.04 -2.08
N VAL A 65 -20.37 3.18 -1.90
CA VAL A 65 -19.65 2.62 -3.02
C VAL A 65 -19.84 1.14 -2.92
N VAL A 66 -20.17 0.52 -4.05
CA VAL A 66 -20.39 -0.93 -4.13
C VAL A 66 -19.32 -1.56 -4.99
N LYS A 67 -18.61 -2.55 -4.45
CA LYS A 67 -17.57 -3.26 -5.16
C LYS A 67 -18.04 -4.68 -5.44
N ILE A 68 -18.30 -4.99 -6.72
CA ILE A 68 -18.81 -6.31 -7.03
C ILE A 68 -17.64 -7.15 -7.49
N LEU A 69 -17.34 -8.20 -6.74
CA LEU A 69 -16.19 -9.04 -7.06
C LEU A 69 -16.36 -9.90 -8.31
N LYS A 70 -15.31 -10.03 -9.10
CA LYS A 70 -15.37 -10.91 -10.27
C LYS A 70 -15.23 -12.36 -9.77
N PRO A 71 -15.79 -13.39 -10.46
CA PRO A 71 -15.65 -14.78 -9.96
C PRO A 71 -14.21 -15.24 -9.61
N VAL A 72 -13.18 -14.66 -10.26
CA VAL A 72 -11.76 -14.96 -10.04
C VAL A 72 -11.29 -14.52 -8.62
N ALA A 73 -11.80 -13.37 -8.12
CA ALA A 73 -11.47 -12.83 -6.80
C ALA A 73 -12.46 -13.31 -5.74
N ALA A 74 -13.61 -13.86 -6.18
CA ALA A 74 -14.69 -14.35 -5.32
C ALA A 74 -14.30 -15.50 -4.38
N ALA A 75 -13.17 -16.19 -4.66
CA ALA A 75 -12.69 -17.31 -3.85
C ALA A 75 -12.11 -16.84 -2.53
N LYS A 76 -11.26 -15.78 -2.55
CA LYS A 76 -10.60 -15.23 -1.35
C LYS A 76 -11.33 -14.00 -0.77
N ILE A 77 -12.66 -14.05 -0.81
CA ILE A 77 -13.49 -12.99 -0.30
C ILE A 77 -13.54 -12.97 1.23
N LYS A 78 -13.48 -14.14 1.87
CA LYS A 78 -13.51 -14.18 3.33
C LYS A 78 -12.29 -13.47 3.90
N ARG A 79 -11.16 -13.50 3.17
CA ARG A 79 -9.91 -12.84 3.62
C ARG A 79 -10.12 -11.34 3.63
N GLU A 80 -10.60 -10.77 2.51
CA GLU A 80 -10.90 -9.35 2.45
C GLU A 80 -11.99 -8.94 3.49
N ILE A 81 -13.10 -9.72 3.61
CA ILE A 81 -14.14 -9.39 4.58
C ILE A 81 -13.60 -9.41 6.02
N LYS A 82 -12.88 -10.50 6.38
CA LYS A 82 -12.33 -10.61 7.73
C LYS A 82 -11.37 -9.42 8.04
N ILE A 83 -10.50 -9.10 7.06
CA ILE A 83 -9.58 -7.95 7.23
C ILE A 83 -10.36 -6.65 7.42
N LEU A 84 -11.35 -6.41 6.56
CA LEU A 84 -12.15 -5.19 6.69
C LEU A 84 -12.92 -5.09 7.99
N GLU A 85 -13.47 -6.23 8.49
CA GLU A 85 -14.20 -6.18 9.76
C GLU A 85 -13.23 -5.98 10.91
N ASN A 86 -12.02 -6.61 10.80
CA ASN A 86 -11.01 -6.47 11.85
C ASN A 86 -10.51 -5.03 12.04
N LEU A 87 -10.35 -4.35 10.89
CA LEU A 87 -9.83 -2.99 10.84
C LEU A 87 -10.89 -1.91 10.93
N ARG A 88 -12.18 -2.28 10.86
CA ARG A 88 -13.26 -1.31 10.84
C ARG A 88 -13.18 -0.34 12.03
N GLY A 89 -13.29 0.96 11.76
CA GLY A 89 -13.20 2.03 12.76
C GLY A 89 -11.79 2.53 13.01
N GLY A 90 -10.79 1.84 12.47
CA GLY A 90 -9.38 2.21 12.59
C GLY A 90 -9.10 3.52 11.86
N PRO A 91 -8.05 4.26 12.27
CA PRO A 91 -7.79 5.55 11.63
C PRO A 91 -7.53 5.46 10.13
N ASN A 92 -8.34 6.20 9.36
CA ASN A 92 -8.18 6.31 7.92
C ASN A 92 -8.33 5.00 7.16
N ILE A 93 -9.02 4.01 7.75
CA ILE A 93 -9.29 2.76 7.06
C ILE A 93 -10.70 2.90 6.48
N ILE A 94 -10.88 2.51 5.21
CA ILE A 94 -12.22 2.53 4.61
C ILE A 94 -13.21 1.67 5.44
N THR A 95 -14.44 2.17 5.64
CA THR A 95 -15.43 1.46 6.44
C THR A 95 -16.30 0.56 5.58
N LEU A 96 -16.27 -0.73 5.88
CA LEU A 96 -17.16 -1.71 5.23
C LEU A 96 -18.55 -1.58 5.91
N ALA A 97 -19.54 -1.12 5.16
CA ALA A 97 -20.90 -0.88 5.68
C ALA A 97 -21.81 -2.10 5.55
N ASP A 98 -21.60 -2.94 4.53
CA ASP A 98 -22.45 -4.13 4.27
C ASP A 98 -21.80 -5.10 3.27
N ILE A 99 -22.34 -6.30 3.21
CA ILE A 99 -21.93 -7.38 2.30
C ILE A 99 -23.21 -7.99 1.82
N VAL A 100 -23.41 -7.97 0.51
CA VAL A 100 -24.64 -8.48 -0.14
C VAL A 100 -24.27 -9.40 -1.29
N LYS A 101 -25.25 -10.18 -1.78
CA LYS A 101 -25.03 -11.04 -2.92
C LYS A 101 -25.59 -10.29 -4.12
N ASP A 102 -24.74 -10.01 -5.12
CA ASP A 102 -25.19 -9.32 -6.31
C ASP A 102 -26.09 -10.27 -7.12
N PRO A 103 -27.31 -9.82 -7.49
CA PRO A 103 -28.22 -10.73 -8.18
C PRO A 103 -27.80 -11.12 -9.59
N VAL A 104 -27.02 -10.26 -10.26
CA VAL A 104 -26.60 -10.47 -11.63
C VAL A 104 -25.32 -11.33 -11.71
N SER A 105 -24.27 -10.97 -10.94
CA SER A 105 -22.97 -11.66 -10.99
C SER A 105 -22.99 -12.95 -10.21
N ARG A 106 -23.86 -13.00 -9.19
CA ARG A 106 -23.97 -14.15 -8.28
C ARG A 106 -22.71 -14.21 -7.42
N THR A 107 -22.09 -13.07 -7.20
CA THR A 107 -20.86 -12.96 -6.43
C THR A 107 -21.09 -12.00 -5.28
N PRO A 108 -20.18 -11.97 -4.29
CA PRO A 108 -20.35 -11.02 -3.19
C PRO A 108 -20.09 -9.59 -3.68
N ALA A 109 -20.80 -8.63 -3.11
CA ALA A 109 -20.65 -7.21 -3.36
C ALA A 109 -20.45 -6.53 -2.01
N LEU A 110 -19.31 -5.86 -1.88
CA LEU A 110 -18.97 -5.15 -0.63
C LEU A 110 -19.42 -3.74 -0.73
N VAL A 111 -20.07 -3.24 0.31
CA VAL A 111 -20.62 -1.90 0.33
C VAL A 111 -19.76 -1.07 1.31
N PHE A 112 -19.21 0.05 0.82
CA PHE A 112 -18.34 0.92 1.61
C PHE A 112 -18.95 2.29 1.81
N GLU A 113 -18.48 3.02 2.83
CA GLU A 113 -18.81 4.42 3.03
C GLU A 113 -18.34 5.16 1.78
N HIS A 114 -19.02 6.26 1.45
CA HIS A 114 -18.65 7.03 0.29
C HIS A 114 -17.66 8.12 0.73
N VAL A 115 -16.66 8.36 -0.11
CA VAL A 115 -15.71 9.44 0.08
C VAL A 115 -15.91 10.37 -1.11
N ASN A 116 -16.11 11.68 -0.88
CA ASN A 116 -16.25 12.66 -1.97
C ASN A 116 -14.82 12.99 -2.43
N ASN A 117 -14.29 12.16 -3.32
CA ASN A 117 -12.92 12.25 -3.80
C ASN A 117 -12.63 13.52 -4.54
N THR A 118 -11.49 14.13 -4.24
CA THR A 118 -11.01 15.28 -5.01
C THR A 118 -10.35 14.66 -6.24
N ASP A 119 -10.51 15.30 -7.41
CA ASP A 119 -9.89 14.86 -8.66
C ASP A 119 -8.40 14.48 -8.44
N PHE A 120 -7.98 13.27 -8.86
CA PHE A 120 -6.62 12.78 -8.64
C PHE A 120 -5.52 13.62 -9.29
N LYS A 121 -5.76 14.15 -10.51
CA LYS A 121 -4.79 14.98 -11.20
C LYS A 121 -4.65 16.32 -10.47
N GLN A 122 -5.78 16.90 -10.00
CA GLN A 122 -5.70 18.14 -9.23
C GLN A 122 -4.88 17.95 -7.98
N LEU A 123 -5.04 16.81 -7.29
CA LEU A 123 -4.26 16.62 -6.07
C LEU A 123 -2.75 16.52 -6.43
N TYR A 124 -2.41 15.70 -7.42
CA TYR A 124 -1.00 15.55 -7.79
C TYR A 124 -0.38 16.91 -8.18
N GLN A 125 -1.15 17.72 -8.91
CA GLN A 125 -0.62 18.96 -9.42
C GLN A 125 -0.66 20.12 -8.49
N THR A 126 -1.52 20.08 -7.43
CA THR A 126 -1.65 21.27 -6.61
C THR A 126 -1.43 21.11 -5.13
N LEU A 127 -1.33 19.87 -4.59
CA LEU A 127 -1.05 19.79 -3.15
C LEU A 127 0.29 20.50 -2.87
N THR A 128 0.34 21.24 -1.79
CA THR A 128 1.53 21.94 -1.36
C THR A 128 2.45 21.02 -0.58
N ASP A 129 3.68 21.49 -0.29
CA ASP A 129 4.64 20.77 0.55
C ASP A 129 3.95 20.42 1.89
N TYR A 130 3.26 21.40 2.50
CA TYR A 130 2.57 21.12 3.78
C TYR A 130 1.51 20.03 3.62
N ASP A 131 0.70 20.11 2.56
CA ASP A 131 -0.37 19.12 2.32
C ASP A 131 0.22 17.71 2.11
N ILE A 132 1.36 17.63 1.40
CA ILE A 132 1.97 16.31 1.17
C ILE A 132 2.38 15.72 2.51
N ARG A 133 2.97 16.51 3.40
CA ARG A 133 3.36 16.01 4.72
C ARG A 133 2.12 15.60 5.50
N PHE A 134 1.07 16.43 5.40
CA PHE A 134 -0.16 16.16 6.14
C PHE A 134 -0.75 14.81 5.73
N TYR A 135 -0.91 14.62 4.42
CA TYR A 135 -1.50 13.37 3.95
C TYR A 135 -0.61 12.16 4.13
N MET A 136 0.71 12.33 4.05
N MET A 136 0.72 12.32 4.04
CA MET A 136 1.64 11.22 4.31
CA MET A 136 1.63 11.20 4.32
C MET A 136 1.49 10.78 5.78
C MET A 136 1.41 10.77 5.77
N TYR A 137 1.27 11.75 6.69
CA TYR A 137 1.07 11.42 8.10
C TYR A 137 -0.26 10.64 8.27
N GLU A 138 -1.31 11.03 7.52
CA GLU A 138 -2.60 10.34 7.59
C GLU A 138 -2.44 8.90 7.08
N ILE A 139 -1.64 8.69 6.00
CA ILE A 139 -1.41 7.31 5.49
C ILE A 139 -0.67 6.50 6.56
N LEU A 140 0.32 7.12 7.23
CA LEU A 140 1.06 6.39 8.26
C LEU A 140 0.15 5.95 9.38
N LYS A 141 -0.86 6.77 9.72
CA LYS A 141 -1.78 6.34 10.77
C LYS A 141 -2.51 5.06 10.34
N ALA A 142 -2.93 4.96 9.08
CA ALA A 142 -3.64 3.78 8.58
C ALA A 142 -2.70 2.60 8.54
N LEU A 143 -1.43 2.83 8.13
CA LEU A 143 -0.47 1.70 8.04
C LEU A 143 -0.05 1.22 9.40
N ASP A 144 0.28 2.15 10.32
CA ASP A 144 0.61 1.63 11.65
C ASP A 144 -0.57 0.91 12.26
N TYR A 145 -1.81 1.39 12.02
CA TYR A 145 -2.94 0.68 12.58
C TYR A 145 -3.04 -0.73 12.00
N CYS A 146 -3.02 -0.86 10.65
CA CYS A 146 -3.18 -2.21 10.14
C CYS A 146 -2.01 -3.14 10.51
N HIS A 147 -0.78 -2.61 10.50
CA HIS A 147 0.36 -3.43 10.91
C HIS A 147 0.23 -3.89 12.37
N SER A 148 -0.22 -2.98 13.24
CA SER A 148 -0.39 -3.26 14.69
C SER A 148 -1.49 -4.29 14.88
N MET A 149 -2.36 -4.41 13.89
CA MET A 149 -3.47 -5.36 13.87
C MET A 149 -3.08 -6.65 13.10
N GLY A 150 -1.78 -6.82 12.82
CA GLY A 150 -1.29 -8.07 12.20
C GLY A 150 -1.61 -8.22 10.74
N ILE A 151 -1.77 -7.08 10.03
CA ILE A 151 -2.15 -7.10 8.62
C ILE A 151 -1.22 -6.24 7.80
N MET A 152 -0.82 -6.78 6.64
CA MET A 152 -0.06 -6.03 5.63
C MET A 152 -1.01 -5.74 4.45
N HIS A 153 -0.99 -4.50 3.93
CA HIS A 153 -1.92 -4.13 2.85
C HIS A 153 -1.50 -4.74 1.50
N ARG A 154 -0.21 -4.64 1.17
CA ARG A 154 0.46 -5.24 -0.03
C ARG A 154 0.05 -4.62 -1.35
N ASP A 155 -0.70 -3.51 -1.32
CA ASP A 155 -1.05 -2.85 -2.58
C ASP A 155 -1.16 -1.36 -2.34
N VAL A 156 -0.17 -0.82 -1.60
CA VAL A 156 -0.18 0.63 -1.36
C VAL A 156 0.30 1.32 -2.62
N LYS A 157 -0.55 2.25 -3.11
CA LYS A 157 -0.29 3.03 -4.32
C LYS A 157 -1.35 4.14 -4.34
N PRO A 158 -1.13 5.19 -5.18
CA PRO A 158 -2.06 6.33 -5.15
C PRO A 158 -3.52 5.96 -5.45
N HIS A 159 -3.74 4.99 -6.33
CA HIS A 159 -5.11 4.55 -6.69
C HIS A 159 -5.86 4.02 -5.46
N ASN A 160 -5.09 3.48 -4.49
CA ASN A 160 -5.70 2.90 -3.30
C ASN A 160 -5.76 3.86 -2.09
N VAL A 161 -5.58 5.16 -2.33
CA VAL A 161 -5.73 6.16 -1.28
C VAL A 161 -6.72 7.18 -1.79
N MET A 162 -7.86 7.28 -1.13
CA MET A 162 -8.88 8.27 -1.48
C MET A 162 -8.68 9.51 -0.65
N ILE A 163 -8.71 10.71 -1.28
CA ILE A 163 -8.60 11.97 -0.55
C ILE A 163 -9.77 12.87 -0.88
N ASP A 164 -10.43 13.38 0.16
CA ASP A 164 -11.47 14.43 0.04
C ASP A 164 -10.76 15.64 0.64
N HIS A 165 -10.10 16.41 -0.21
CA HIS A 165 -9.27 17.52 0.20
C HIS A 165 -10.03 18.66 0.91
N GLU A 166 -11.29 18.91 0.53
CA GLU A 166 -12.14 19.91 1.21
C GLU A 166 -12.28 19.61 2.70
N HIS A 167 -12.46 18.32 3.07
CA HIS A 167 -12.60 17.90 4.47
C HIS A 167 -11.34 17.30 5.07
N ARG A 168 -10.18 17.43 4.36
CA ARG A 168 -8.86 16.95 4.81
C ARG A 168 -9.02 15.48 5.28
N LYS A 169 -9.79 14.69 4.50
CA LYS A 169 -10.15 13.32 4.83
C LYS A 169 -9.47 12.33 3.89
N LEU A 170 -8.78 11.31 4.46
CA LEU A 170 -8.08 10.35 3.64
C LEU A 170 -8.54 8.94 4.05
N ARG A 171 -8.69 8.03 3.08
CA ARG A 171 -8.99 6.62 3.36
C ARG A 171 -8.12 5.72 2.52
N LEU A 172 -7.59 4.69 3.17
CA LEU A 172 -6.85 3.61 2.53
C LEU A 172 -7.88 2.53 2.17
N ILE A 173 -7.98 2.25 0.87
CA ILE A 173 -8.97 1.35 0.31
C ILE A 173 -8.31 0.11 -0.31
N ASP A 174 -9.19 -0.75 -0.90
CA ASP A 174 -8.86 -1.97 -1.60
C ASP A 174 -7.91 -2.89 -0.84
N TRP A 175 -8.53 -3.58 0.11
CA TRP A 175 -7.88 -4.55 0.97
C TRP A 175 -7.94 -5.97 0.36
N GLY A 176 -8.22 -6.08 -0.94
CA GLY A 176 -8.30 -7.38 -1.63
C GLY A 176 -7.01 -8.15 -1.71
N LEU A 177 -5.85 -7.47 -1.61
CA LEU A 177 -4.57 -8.16 -1.63
C LEU A 177 -3.96 -8.26 -0.24
N ALA A 178 -4.65 -7.71 0.77
CA ALA A 178 -4.12 -7.70 2.14
C ALA A 178 -3.98 -9.09 2.72
N GLU A 179 -3.06 -9.27 3.64
CA GLU A 179 -2.88 -10.59 4.24
C GLU A 179 -2.47 -10.47 5.70
N PHE A 180 -2.80 -11.50 6.47
CA PHE A 180 -2.38 -11.58 7.87
C PHE A 180 -0.90 -11.95 7.90
N TYR A 181 -0.15 -11.26 8.75
CA TYR A 181 1.27 -11.52 8.87
C TYR A 181 1.52 -12.59 9.93
N HIS A 182 2.18 -13.68 9.51
CA HIS A 182 2.47 -14.82 10.40
C HIS A 182 3.96 -15.04 10.26
N PRO A 183 4.75 -14.83 11.32
CA PRO A 183 6.21 -15.05 11.19
C PRO A 183 6.55 -16.41 10.60
N GLY A 184 7.48 -16.40 9.66
CA GLY A 184 7.96 -17.61 8.98
C GLY A 184 7.14 -18.01 7.78
N GLN A 185 6.01 -17.35 7.53
CA GLN A 185 5.18 -17.72 6.37
C GLN A 185 5.81 -17.19 5.07
N GLU A 186 5.75 -18.02 4.04
CA GLU A 186 6.22 -17.68 2.70
C GLU A 186 5.03 -17.21 1.91
N TYR A 187 5.05 -15.96 1.44
CA TYR A 187 3.95 -15.35 0.74
C TYR A 187 4.18 -15.30 -0.76
N ASN A 188 3.12 -15.02 -1.51
CA ASN A 188 3.22 -14.90 -2.95
C ASN A 188 3.91 -13.57 -3.25
N VAL A 189 4.91 -13.58 -4.12
CA VAL A 189 5.59 -12.33 -4.47
C VAL A 189 4.81 -11.55 -5.55
N ARG A 190 3.77 -12.16 -6.17
CA ARG A 190 2.99 -11.51 -7.21
C ARG A 190 1.90 -10.65 -6.59
N VAL A 191 2.35 -9.63 -5.89
CA VAL A 191 1.50 -8.68 -5.21
C VAL A 191 1.97 -7.28 -5.60
N ALA A 192 1.19 -6.24 -5.23
CA ALA A 192 1.48 -4.82 -5.56
C ALA A 192 1.64 -4.53 -7.08
N SER A 193 1.43 -3.28 -7.48
N SER A 193 1.46 -3.28 -7.45
CA SER A 193 1.59 -2.90 -8.88
CA SER A 193 1.60 -2.81 -8.83
C SER A 193 3.09 -2.68 -9.14
C SER A 193 3.10 -2.67 -9.13
N ARG A 194 3.54 -2.96 -10.38
CA ARG A 194 4.94 -2.91 -10.80
C ARG A 194 5.76 -1.79 -10.18
N TYR A 195 5.30 -0.52 -10.31
CA TYR A 195 6.15 0.59 -9.89
C TYR A 195 6.29 0.73 -8.40
N PHE A 196 5.46 -0.03 -7.65
CA PHE A 196 5.46 0.06 -6.18
C PHE A 196 5.97 -1.23 -5.53
N LYS A 197 6.41 -2.21 -6.36
CA LYS A 197 6.90 -3.49 -5.83
C LYS A 197 8.23 -3.31 -5.09
N GLY A 198 8.32 -3.87 -3.87
CA GLY A 198 9.57 -3.80 -3.13
C GLY A 198 10.64 -4.75 -3.72
N PRO A 199 11.91 -4.45 -3.48
CA PRO A 199 13.01 -5.33 -3.95
C PRO A 199 12.81 -6.78 -3.50
N GLU A 200 12.20 -7.00 -2.31
CA GLU A 200 11.96 -8.38 -1.87
C GLU A 200 11.09 -9.15 -2.87
N LEU A 201 10.10 -8.49 -3.47
CA LEU A 201 9.24 -9.14 -4.46
C LEU A 201 10.01 -9.35 -5.74
N LEU A 202 10.83 -8.36 -6.12
CA LEU A 202 11.57 -8.40 -7.38
C LEU A 202 12.70 -9.42 -7.39
N VAL A 203 13.23 -9.78 -6.21
CA VAL A 203 14.29 -10.79 -6.14
C VAL A 203 13.70 -12.15 -5.72
N ASP A 204 12.37 -12.25 -5.61
CA ASP A 204 11.65 -13.47 -5.29
C ASP A 204 11.90 -13.97 -3.84
N TYR A 205 11.96 -13.05 -2.88
CA TYR A 205 12.13 -13.41 -1.46
C TYR A 205 10.72 -13.45 -0.85
N GLN A 206 10.25 -14.64 -0.49
CA GLN A 206 8.87 -14.82 -0.06
C GLN A 206 8.58 -14.54 1.42
N MET A 207 9.60 -14.48 2.27
CA MET A 207 9.38 -14.31 3.71
C MET A 207 9.34 -12.85 4.11
N TYR A 208 8.51 -12.05 3.42
CA TYR A 208 8.44 -10.62 3.66
C TYR A 208 7.36 -10.28 4.70
N ASP A 209 7.25 -8.98 4.99
CA ASP A 209 6.35 -8.57 6.07
C ASP A 209 5.81 -7.17 5.83
N TYR A 210 5.32 -6.52 6.87
CA TYR A 210 4.72 -5.20 6.82
C TYR A 210 5.59 -4.16 6.12
N SER A 211 6.92 -4.33 6.20
CA SER A 211 7.87 -3.39 5.62
C SER A 211 7.72 -3.23 4.12
N LEU A 212 7.05 -4.21 3.45
CA LEU A 212 6.79 -4.06 2.01
C LEU A 212 5.95 -2.77 1.78
N ASP A 213 4.97 -2.49 2.69
CA ASP A 213 4.13 -1.31 2.58
C ASP A 213 4.92 -0.02 2.66
N MET A 214 6.04 -0.04 3.45
CA MET A 214 6.86 1.13 3.63
C MET A 214 7.68 1.44 2.38
N TRP A 215 8.13 0.39 1.65
CA TRP A 215 8.76 0.66 0.36
C TRP A 215 7.78 1.33 -0.60
N SER A 216 6.56 0.79 -0.68
CA SER A 216 5.55 1.33 -1.59
C SER A 216 5.27 2.80 -1.23
N LEU A 217 5.18 3.10 0.07
CA LEU A 217 4.95 4.47 0.51
C LEU A 217 6.10 5.39 0.04
N GLY A 218 7.33 4.88 0.13
CA GLY A 218 8.47 5.66 -0.34
C GLY A 218 8.38 5.95 -1.83
N CYS A 219 7.91 4.97 -2.64
CA CYS A 219 7.77 5.21 -4.08
C CYS A 219 6.76 6.32 -4.32
N MET A 220 5.66 6.34 -3.55
CA MET A 220 4.65 7.41 -3.70
C MET A 220 5.26 8.76 -3.36
N LEU A 221 6.00 8.83 -2.25
CA LEU A 221 6.59 10.09 -1.84
C LEU A 221 7.57 10.59 -2.86
N ALA A 222 8.44 9.70 -3.36
CA ALA A 222 9.42 10.12 -4.36
C ALA A 222 8.74 10.68 -5.61
N SER A 223 7.70 10.00 -6.11
N SER A 223 7.69 10.01 -6.10
CA SER A 223 6.99 10.51 -7.27
CA SER A 223 6.97 10.47 -7.29
C SER A 223 6.43 11.90 -7.02
C SER A 223 6.33 11.84 -7.08
N MET A 224 5.77 12.07 -5.88
CA MET A 224 5.13 13.34 -5.54
C MET A 224 6.12 14.48 -5.40
N ILE A 225 7.20 14.30 -4.57
CA ILE A 225 8.12 15.44 -4.29
C ILE A 225 9.04 15.76 -5.47
N PHE A 226 9.38 14.75 -6.26
CA PHE A 226 10.28 14.98 -7.40
C PHE A 226 9.57 15.27 -8.70
N ARG A 227 8.23 15.13 -8.71
CA ARG A 227 7.45 15.38 -9.93
C ARG A 227 7.89 14.42 -11.01
N LYS A 228 7.98 13.14 -10.65
CA LYS A 228 8.46 12.12 -11.55
C LYS A 228 7.53 10.91 -11.36
N GLU A 229 6.56 10.75 -12.28
CA GLU A 229 5.51 9.76 -12.25
C GLU A 229 5.73 8.62 -13.27
N PRO A 230 6.07 7.38 -12.86
CA PRO A 230 6.38 6.91 -11.49
C PRO A 230 7.86 7.23 -11.26
N PHE A 231 8.30 7.07 -10.02
CA PHE A 231 9.69 7.36 -9.74
C PHE A 231 10.62 6.28 -10.36
N PHE A 232 10.29 5.00 -10.12
CA PHE A 232 11.03 3.86 -10.67
C PHE A 232 10.18 3.31 -11.81
N HIS A 233 10.59 3.64 -13.05
CA HIS A 233 9.78 3.36 -14.23
C HIS A 233 10.20 2.13 -15.01
N GLY A 234 9.98 0.96 -14.41
CA GLY A 234 10.35 -0.28 -15.09
C GLY A 234 9.47 -0.65 -16.26
N HIS A 235 10.08 -1.24 -17.30
CA HIS A 235 9.35 -1.72 -18.47
C HIS A 235 8.62 -3.05 -18.14
N ASP A 236 9.18 -3.81 -17.18
CA ASP A 236 8.66 -5.10 -16.73
C ASP A 236 9.25 -5.32 -15.33
N ASN A 237 9.00 -6.47 -14.69
CA ASN A 237 9.46 -6.70 -13.32
C ASN A 237 10.98 -6.78 -13.21
N TYR A 238 11.68 -7.18 -14.30
CA TYR A 238 13.13 -7.29 -14.25
C TYR A 238 13.73 -5.91 -14.39
N ASP A 239 13.27 -5.16 -15.41
CA ASP A 239 13.77 -3.79 -15.58
C ASP A 239 13.39 -2.94 -14.36
N GLN A 240 12.33 -3.32 -13.65
CA GLN A 240 11.95 -2.59 -12.42
C GLN A 240 13.09 -2.62 -11.39
N LEU A 241 13.74 -3.76 -11.18
CA LEU A 241 14.86 -3.80 -10.26
C LEU A 241 16.06 -3.03 -10.79
N VAL A 242 16.27 -3.05 -12.12
CA VAL A 242 17.38 -2.30 -12.71
C VAL A 242 17.17 -0.79 -12.46
N ARG A 243 15.92 -0.32 -12.60
CA ARG A 243 15.61 1.10 -12.39
C ARG A 243 15.89 1.50 -10.92
N ILE A 244 15.56 0.58 -9.99
CA ILE A 244 15.86 0.86 -8.60
C ILE A 244 17.37 0.88 -8.41
N ALA A 245 18.11 -0.09 -9.01
CA ALA A 245 19.56 -0.16 -8.84
C ALA A 245 20.30 1.04 -9.43
N LYS A 246 19.70 1.70 -10.43
CA LYS A 246 20.31 2.90 -11.00
C LYS A 246 20.24 4.08 -10.01
N VAL A 247 19.44 3.95 -8.95
CA VAL A 247 19.33 5.00 -7.94
C VAL A 247 20.01 4.58 -6.65
N LEU A 248 19.66 3.39 -6.14
CA LEU A 248 20.19 2.94 -4.84
C LEU A 248 21.55 2.29 -5.00
N GLY A 249 21.91 1.96 -6.24
CA GLY A 249 23.21 1.33 -6.51
C GLY A 249 23.20 -0.18 -6.47
N THR A 250 24.16 -0.81 -7.18
CA THR A 250 24.20 -2.27 -7.18
C THR A 250 24.92 -2.88 -5.97
N GLU A 251 25.87 -2.16 -5.36
CA GLU A 251 26.60 -2.72 -4.23
C GLU A 251 25.67 -3.02 -3.05
N ASP A 252 24.75 -2.08 -2.71
CA ASP A 252 23.83 -2.35 -1.64
C ASP A 252 22.81 -3.46 -2.02
N LEU A 253 22.53 -3.64 -3.33
CA LEU A 253 21.64 -4.71 -3.78
C LEU A 253 22.31 -6.05 -3.53
N TYR A 254 23.62 -6.17 -3.87
CA TYR A 254 24.33 -7.42 -3.63
C TYR A 254 24.52 -7.67 -2.14
N ASP A 255 24.68 -6.61 -1.33
CA ASP A 255 24.77 -6.81 0.11
C ASP A 255 23.44 -7.39 0.62
N TYR A 256 22.30 -6.87 0.12
CA TYR A 256 20.98 -7.37 0.50
C TYR A 256 20.78 -8.82 0.13
N ILE A 257 21.05 -9.17 -1.15
CA ILE A 257 20.83 -10.56 -1.54
C ILE A 257 21.79 -11.49 -0.78
N ASP A 258 23.03 -11.03 -0.50
CA ASP A 258 23.99 -11.86 0.24
C ASP A 258 23.56 -12.06 1.67
N LYS A 259 22.99 -11.02 2.34
CA LYS A 259 22.52 -11.15 3.72
C LYS A 259 21.46 -12.27 3.84
N TYR A 260 20.57 -12.38 2.87
CA TYR A 260 19.51 -13.38 2.94
C TYR A 260 19.80 -14.62 2.14
N ASN A 261 21.04 -14.74 1.61
CA ASN A 261 21.46 -15.91 0.82
C ASN A 261 20.47 -16.15 -0.35
N ILE A 262 20.04 -15.02 -0.99
CA ILE A 262 19.15 -15.01 -2.15
C ILE A 262 20.04 -15.10 -3.38
N GLU A 263 19.61 -15.85 -4.38
CA GLU A 263 20.36 -15.89 -5.63
C GLU A 263 19.52 -15.17 -6.67
N LEU A 264 20.10 -14.17 -7.37
CA LEU A 264 19.34 -13.48 -8.38
C LEU A 264 19.07 -14.42 -9.54
N ASP A 265 17.94 -14.19 -10.18
CA ASP A 265 17.57 -14.87 -11.42
C ASP A 265 18.77 -14.59 -12.35
N PRO A 266 19.40 -15.61 -12.99
CA PRO A 266 20.56 -15.31 -13.88
C PRO A 266 20.23 -14.41 -15.06
N ARG A 267 18.94 -14.13 -15.33
CA ARG A 267 18.67 -13.19 -16.42
C ARG A 267 19.14 -11.76 -16.06
N PHE A 268 19.40 -11.49 -14.75
CA PHE A 268 19.91 -10.17 -14.34
C PHE A 268 21.39 -9.95 -14.73
N ASN A 269 22.16 -11.05 -14.94
CA ASN A 269 23.59 -10.95 -15.32
C ASN A 269 23.82 -10.04 -16.55
N ASP A 270 22.92 -10.07 -17.54
CA ASP A 270 23.06 -9.27 -18.75
C ASP A 270 22.34 -7.90 -18.72
N ILE A 271 21.72 -7.51 -17.58
CA ILE A 271 20.97 -6.23 -17.57
C ILE A 271 21.22 -5.32 -16.35
N LEU A 272 21.70 -5.86 -15.23
CA LEU A 272 21.88 -5.12 -14.00
C LEU A 272 23.00 -4.08 -14.02
N GLY A 273 24.15 -4.47 -14.57
CA GLY A 273 25.30 -3.59 -14.63
C GLY A 273 25.89 -3.26 -13.29
N ARG A 274 26.69 -2.17 -13.21
CA ARG A 274 27.33 -1.70 -11.97
C ARG A 274 26.96 -0.22 -11.85
N HIS A 275 26.30 0.13 -10.76
CA HIS A 275 25.79 1.47 -10.57
C HIS A 275 26.07 1.95 -9.19
N SER A 276 26.53 3.18 -9.05
CA SER A 276 26.76 3.76 -7.75
C SER A 276 25.43 4.20 -7.19
N ARG A 277 25.39 4.33 -5.86
CA ARG A 277 24.25 4.95 -5.20
C ARG A 277 24.31 6.42 -5.54
N LYS A 278 23.16 6.97 -5.88
CA LYS A 278 23.01 8.38 -6.22
C LYS A 278 22.59 9.19 -4.99
N ARG A 279 23.08 10.43 -4.92
CA ARG A 279 22.59 11.31 -3.84
C ARG A 279 21.20 11.82 -4.24
N TRP A 280 20.27 11.91 -3.25
CA TRP A 280 18.88 12.29 -3.52
C TRP A 280 18.77 13.67 -4.17
N GLU A 281 19.74 14.55 -3.92
CA GLU A 281 19.79 15.89 -4.51
C GLU A 281 19.89 15.89 -6.05
N ARG A 282 20.34 14.77 -6.66
CA ARG A 282 20.43 14.64 -8.12
C ARG A 282 19.05 14.79 -8.79
N PHE A 283 17.96 14.49 -8.07
CA PHE A 283 16.59 14.52 -8.57
C PHE A 283 15.88 15.88 -8.37
N VAL A 284 16.55 16.84 -7.68
CA VAL A 284 15.99 18.18 -7.41
C VAL A 284 16.24 19.09 -8.59
N HIS A 285 15.23 19.85 -8.96
CA HIS A 285 15.34 20.83 -10.05
C HIS A 285 14.40 21.98 -9.77
N SER A 286 14.44 23.01 -10.61
CA SER A 286 13.65 24.19 -10.32
C SER A 286 12.13 23.96 -10.30
N GLU A 287 11.63 22.88 -10.93
CA GLU A 287 10.19 22.56 -11.00
C GLU A 287 9.69 21.68 -9.83
N ASN A 288 10.60 21.18 -8.97
CA ASN A 288 10.15 20.41 -7.80
C ASN A 288 10.78 20.94 -6.51
N GLN A 289 11.64 21.99 -6.58
N GLN A 289 11.61 22.01 -6.59
CA GLN A 289 12.33 22.48 -5.38
CA GLN A 289 12.31 22.54 -5.42
C GLN A 289 11.38 22.90 -4.27
C GLN A 289 11.37 22.89 -4.28
N HIS A 290 10.17 23.38 -4.62
CA HIS A 290 9.16 23.83 -3.64
C HIS A 290 8.62 22.67 -2.79
N LEU A 291 8.84 21.41 -3.23
CA LEU A 291 8.33 20.23 -2.55
C LEU A 291 9.42 19.45 -1.82
N VAL A 292 10.68 19.85 -2.02
CA VAL A 292 11.82 19.16 -1.46
C VAL A 292 12.40 19.95 -0.30
N SER A 293 12.92 19.23 0.68
CA SER A 293 13.58 19.77 1.86
C SER A 293 14.58 18.74 2.33
N PRO A 294 15.58 19.11 3.14
CA PRO A 294 16.51 18.11 3.68
C PRO A 294 15.74 17.05 4.46
N GLU A 295 14.69 17.46 5.22
CA GLU A 295 13.89 16.47 5.98
C GLU A 295 13.19 15.50 5.04
N ALA A 296 12.63 15.98 3.89
CA ALA A 296 11.97 15.07 2.94
C ALA A 296 12.94 14.02 2.42
N LEU A 297 14.15 14.46 2.06
CA LEU A 297 15.14 13.56 1.49
C LEU A 297 15.61 12.58 2.51
N ASP A 298 15.79 13.01 3.77
CA ASP A 298 16.23 12.08 4.81
C ASP A 298 15.12 11.02 5.04
N PHE A 299 13.85 11.48 5.09
CA PHE A 299 12.74 10.54 5.30
C PHE A 299 12.69 9.51 4.14
N LEU A 300 12.78 10.00 2.91
CA LEU A 300 12.74 9.13 1.75
C LEU A 300 13.87 8.11 1.81
N ASP A 301 15.08 8.54 2.19
CA ASP A 301 16.24 7.69 2.32
C ASP A 301 16.02 6.52 3.27
N LYS A 302 15.22 6.72 4.33
CA LYS A 302 14.97 5.71 5.35
C LYS A 302 13.83 4.77 4.99
N LEU A 303 13.05 5.11 3.94
CA LEU A 303 12.01 4.20 3.45
C LEU A 303 12.58 3.37 2.30
N LEU A 304 13.28 4.03 1.36
CA LEU A 304 13.75 3.35 0.14
C LEU A 304 15.06 2.67 0.36
N ARG A 305 15.02 1.56 1.09
CA ARG A 305 16.20 0.75 1.38
C ARG A 305 15.96 -0.64 0.91
N TYR A 306 16.98 -1.26 0.28
CA TYR A 306 16.74 -2.63 -0.18
C TYR A 306 16.37 -3.57 0.96
N ASP A 307 17.14 -3.51 2.07
CA ASP A 307 16.90 -4.41 3.20
C ASP A 307 15.60 -4.07 3.90
N HIS A 308 14.61 -4.94 3.68
CA HIS A 308 13.28 -4.76 4.30
C HIS A 308 13.34 -4.64 5.81
N GLN A 309 14.36 -5.24 6.48
CA GLN A 309 14.47 -5.13 7.92
C GLN A 309 15.05 -3.80 8.36
N SER A 310 15.64 -3.03 7.43
N SER A 310 15.64 -3.01 7.47
CA SER A 310 16.30 -1.74 7.69
CA SER A 310 16.25 -1.72 7.84
C SER A 310 15.45 -0.49 7.40
C SER A 310 15.32 -0.50 7.64
N ARG A 311 14.23 -0.66 6.89
CA ARG A 311 13.32 0.48 6.59
C ARG A 311 12.68 1.02 7.85
N LEU A 312 12.32 2.31 7.84
CA LEU A 312 11.53 2.79 8.97
C LEU A 312 10.22 2.02 9.06
N THR A 313 9.77 1.77 10.30
CA THR A 313 8.42 1.22 10.50
C THR A 313 7.46 2.41 10.45
N ALA A 314 6.16 2.12 10.33
CA ALA A 314 5.21 3.23 10.25
C ALA A 314 5.23 4.11 11.51
N ARG A 315 5.32 3.49 12.70
CA ARG A 315 5.28 4.26 13.93
C ARG A 315 6.55 5.10 14.06
N GLU A 316 7.75 4.54 13.69
CA GLU A 316 9.00 5.32 13.77
C GLU A 316 8.88 6.49 12.76
N ALA A 317 8.32 6.23 11.60
CA ALA A 317 8.21 7.26 10.54
C ALA A 317 7.39 8.46 11.05
N MET A 318 6.37 8.21 11.90
CA MET A 318 5.54 9.31 12.42
C MET A 318 6.29 10.30 13.29
N GLU A 319 7.43 9.88 13.86
CA GLU A 319 8.16 10.86 14.65
C GLU A 319 9.33 11.44 13.87
N HIS A 320 9.36 11.24 12.53
CA HIS A 320 10.44 11.85 11.76
C HIS A 320 10.28 13.37 11.65
N PRO A 321 11.42 14.12 11.62
CA PRO A 321 11.34 15.60 11.45
C PRO A 321 10.51 16.10 10.27
N TYR A 322 10.36 15.30 9.20
CA TYR A 322 9.54 15.74 8.05
C TYR A 322 8.12 16.14 8.46
N PHE A 323 7.62 15.53 9.56
CA PHE A 323 6.25 15.80 10.01
C PHE A 323 6.14 16.83 11.12
N TYR A 324 7.27 17.42 11.55
CA TYR A 324 7.19 18.41 12.62
C TYR A 324 6.29 19.60 12.29
N THR A 325 6.23 20.01 11.00
N THR A 325 6.23 19.98 11.02
CA THR A 325 5.40 21.14 10.59
CA THR A 325 5.42 21.12 10.57
C THR A 325 3.90 20.83 10.61
C THR A 325 3.93 20.81 10.48
N VAL A 326 3.55 19.52 10.55
CA VAL A 326 2.13 19.14 10.46
C VAL A 326 1.41 19.40 11.75
N VAL A 327 0.26 20.09 11.67
CA VAL A 327 -0.58 20.35 12.84
C VAL A 327 -1.13 19.01 13.36
N LYS A 328 -0.83 18.70 14.61
CA LYS A 328 -1.28 17.47 15.25
C LYS A 328 -2.28 17.73 16.37
C ACT B . -25.88 -4.87 -5.85
O ACT B . -24.88 -5.58 -6.03
OXT ACT B . -26.86 -4.80 -6.63
CH3 ACT B . -25.91 -3.99 -4.59
C ACT C . -2.65 -13.30 -3.05
O ACT C . -3.81 -12.80 -3.16
OXT ACT C . -2.13 -13.74 -1.99
CH3 ACT C . -1.79 -13.39 -4.33
C2 AUW D . 0.78 10.96 -3.18
C1 AUW D . 0.80 9.98 -4.33
CL1 AUW D . -1.88 9.14 -1.65
C23 AUW D . -2.53 10.16 -2.88
C8 AUW D . -1.74 11.20 -3.38
C7 AUW D . -0.42 11.55 -2.77
C6 AUW D . -0.41 12.42 -1.66
C5 AUW D . 0.77 12.68 -0.99
C4 AUW D . 1.96 12.10 -1.39
C3 AUW D . 1.96 11.24 -2.48
C AUW D . 1.04 10.58 -5.67
C22 AUW D . -3.79 9.90 -3.36
C11 AUW D . -4.32 10.62 -4.42
C10 AUW D . -3.53 11.62 -4.98
C9 AUW D . -2.28 11.91 -4.46
CL AUW D . -1.36 13.16 -5.23
C12 AUW D . -5.71 10.35 -4.92
N AUW D . -5.93 8.96 -5.35
C13 AUW D . -7.34 8.69 -5.68
C14 AUW D . -7.52 7.21 -5.94
C15 AUW D . -8.93 6.79 -6.13
N2 AUW D . -9.96 7.61 -6.35
C21 AUW D . -11.05 6.77 -6.59
C16 AUW D . -10.65 5.44 -6.49
N1 AUW D . -9.30 5.48 -6.19
C20 AUW D . -12.38 7.07 -6.87
C19 AUW D . -13.28 6.04 -7.06
C18 AUW D . -12.86 4.70 -6.96
C17 AUW D . -11.54 4.39 -6.68
C2 54G E . -14.06 2.72 -3.55
C7 54G E . -13.46 1.31 -1.74
C6 54G E . -12.26 -0.86 -2.13
C5 54G E . -12.82 0.42 -2.61
C4 54G E . -12.83 0.71 -3.98
C3 54G E . -13.45 1.86 -4.44
O1 54G E . -12.27 -1.03 -0.83
O2 54G E . -11.81 -1.69 -2.90
O 54G E . -12.23 -0.12 -4.88
C1 54G E . -14.08 2.46 -2.20
C 54G E . -14.76 3.40 -1.23
#